data_2Y6M
#
_entry.id   2Y6M
#
_cell.length_a   32.513
_cell.length_b   91.045
_cell.length_c   97.738
_cell.angle_alpha   90.00
_cell.angle_beta   90.00
_cell.angle_gamma   90.00
#
_symmetry.space_group_name_H-M   'P 21 21 21'
#
loop_
_entity.id
_entity.type
_entity.pdbx_description
1 polymer 'EPHRIN TYPE-A RECEPTOR 4'
2 non-polymer GLYCEROL
3 water water
#
_entity_poly.entity_id   1
_entity_poly.type   'polypeptide(L)'
_entity_poly.pdbx_seq_one_letter_code
;NQAVREFAKEIDASCIKIEKVIGVGEFGEVCSGRLKVPGKREICVAIKTLKAGYTDKQRRDFLSEASIMGQFDHPNIIHL
EGVVTKCKPVMIITEYMENGSLDAFLRKNDGRFTVIQLVGMLRGIGSGMKYLSDMSYVHRDLAARNILVNSNLVCKVSDF
GMSRVLEDDPEAAYTTRGGKIPIRWTAPEAIAYRKFTSASDVWSYGIVMWEVMSYGERPYWDMSNQDVIKAIEEGYRLPP
PMDCPIALHQLMLDCWQKERSDRPKFGQIVNMLDKLIRNPNSLKRTGSESS
;
_entity_poly.pdbx_strand_id   A
#
# COMPACT_ATOMS: atom_id res chain seq x y z
N VAL A 4 -12.92 20.98 10.12
CA VAL A 4 -12.44 21.36 8.79
C VAL A 4 -11.78 20.21 8.06
N ARG A 5 -12.33 19.87 6.89
CA ARG A 5 -11.77 18.81 6.07
C ARG A 5 -11.23 19.38 4.76
N GLU A 6 -10.21 18.73 4.20
CA GLU A 6 -9.72 19.09 2.88
C GLU A 6 -10.76 18.64 1.86
N PHE A 7 -10.62 19.09 0.63
CA PHE A 7 -11.53 18.68 -0.43
C PHE A 7 -10.73 18.59 -1.72
N ALA A 8 -11.18 17.74 -2.63
CA ALA A 8 -10.50 17.55 -3.89
C ALA A 8 -10.63 18.77 -4.80
N LYS A 9 -9.49 19.29 -5.25
CA LYS A 9 -9.44 20.39 -6.21
C LYS A 9 -10.10 19.99 -7.52
N GLU A 10 -10.90 20.89 -8.09
CA GLU A 10 -11.50 20.62 -9.39
C GLU A 10 -10.52 20.98 -10.48
N ILE A 11 -10.28 20.02 -11.38
CA ILE A 11 -9.35 20.23 -12.49
C ILE A 11 -10.12 20.44 -13.78
N ASP A 12 -9.78 21.51 -14.50
CA ASP A 12 -10.38 21.77 -15.80
C ASP A 12 -10.05 20.62 -16.75
N ALA A 13 -11.06 20.07 -17.41
CA ALA A 13 -10.83 18.91 -18.29
C ALA A 13 -9.84 19.17 -19.42
N SER A 14 -9.69 20.44 -19.80
CA SER A 14 -8.78 20.80 -20.90
C SER A 14 -7.32 20.66 -20.49
N CYS A 15 -7.08 20.56 -19.18
CA CYS A 15 -5.72 20.43 -18.64
C CYS A 15 -5.26 18.97 -18.62
N ILE A 16 -6.17 18.07 -18.97
CA ILE A 16 -5.88 16.64 -18.89
C ILE A 16 -5.83 16.00 -20.27
N LYS A 17 -4.76 15.28 -20.54
CA LYS A 17 -4.65 14.50 -21.76
C LYS A 17 -4.47 13.04 -21.39
N ILE A 18 -5.44 12.23 -21.77
CA ILE A 18 -5.36 10.81 -21.52
C ILE A 18 -4.56 10.17 -22.64
N GLU A 19 -3.58 9.34 -22.28
CA GLU A 19 -2.70 8.76 -23.29
C GLU A 19 -2.98 7.29 -23.59
N LYS A 20 -3.14 6.48 -22.55
CA LYS A 20 -3.44 5.07 -22.74
C LYS A 20 -4.21 4.49 -21.55
N VAL A 21 -5.05 3.51 -21.81
CA VAL A 21 -5.67 2.76 -20.72
C VAL A 21 -4.63 1.77 -20.25
N ILE A 22 -4.42 1.67 -18.93
CA ILE A 22 -3.39 0.80 -18.41
C ILE A 22 -3.90 -0.28 -17.47
N GLY A 23 -5.17 -0.17 -17.08
CA GLY A 23 -5.77 -1.15 -16.19
C GLY A 23 -7.29 -1.08 -16.19
N VAL A 24 -7.94 -2.22 -15.92
CA VAL A 24 -9.39 -2.27 -15.87
C VAL A 24 -9.83 -3.07 -14.63
N GLY A 25 -11.05 -2.84 -14.18
CA GLY A 25 -11.60 -3.60 -13.07
C GLY A 25 -13.09 -3.38 -13.01
N GLU A 26 -13.71 -3.79 -11.90
CA GLU A 26 -15.15 -3.63 -11.72
C GLU A 26 -15.53 -2.16 -11.57
N PHE A 27 -14.63 -1.37 -10.98
CA PHE A 27 -14.90 0.05 -10.73
C PHE A 27 -14.93 0.87 -12.00
N GLY A 28 -14.18 0.44 -13.01
CA GLY A 28 -13.96 1.23 -14.20
C GLY A 28 -12.58 0.99 -14.80
N GLU A 29 -11.93 2.07 -15.21
CA GLU A 29 -10.64 1.97 -15.90
C GLU A 29 -9.62 2.85 -15.20
N VAL A 30 -8.34 2.49 -15.35
CA VAL A 30 -7.26 3.40 -14.99
C VAL A 30 -6.45 3.69 -16.24
N CYS A 31 -6.13 4.97 -16.43
CA CYS A 31 -5.36 5.41 -17.58
C CYS A 31 -4.13 6.15 -17.13
N SER A 32 -3.15 6.26 -18.02
CA SER A 32 -2.02 7.15 -17.75
C SER A 32 -2.22 8.36 -18.64
N GLY A 33 -1.67 9.49 -18.24
CA GLY A 33 -1.85 10.70 -19.02
C GLY A 33 -1.00 11.84 -18.52
N ARG A 34 -1.32 13.04 -18.99
CA ARG A 34 -0.58 14.25 -18.60
C ARG A 34 -1.53 15.30 -18.04
N LEU A 35 -1.05 16.03 -17.04
CA LEU A 35 -1.78 17.14 -16.46
C LEU A 35 -0.95 18.40 -16.63
N LYS A 36 -1.52 19.40 -17.31
CA LYS A 36 -0.81 20.64 -17.54
C LYS A 36 -1.73 21.78 -17.19
N VAL A 37 -1.44 22.49 -16.10
CA VAL A 37 -2.23 23.66 -15.75
C VAL A 37 -1.42 24.91 -16.04
N PRO A 38 -2.10 26.02 -16.41
CA PRO A 38 -1.38 27.22 -16.83
C PRO A 38 -0.34 27.68 -15.80
N GLY A 39 0.87 27.94 -16.26
CA GLY A 39 1.93 28.44 -15.39
C GLY A 39 2.74 27.38 -14.67
N LYS A 40 2.30 26.13 -14.76
CA LYS A 40 2.97 25.05 -14.04
C LYS A 40 3.51 24.01 -15.01
N ARG A 41 4.52 23.27 -14.59
CA ARG A 41 5.10 22.27 -15.47
C ARG A 41 4.13 21.11 -15.64
N GLU A 42 4.18 20.47 -16.80
CA GLU A 42 3.36 19.31 -17.04
C GLU A 42 3.83 18.15 -16.16
N ILE A 43 2.90 17.37 -15.64
CA ILE A 43 3.30 16.15 -14.93
C ILE A 43 2.54 14.97 -15.50
N CYS A 44 3.09 13.77 -15.31
CA CYS A 44 2.36 12.54 -15.62
C CYS A 44 1.39 12.29 -14.48
N VAL A 45 0.21 11.76 -14.82
CA VAL A 45 -0.79 11.42 -13.81
C VAL A 45 -1.45 10.08 -14.13
N ALA A 46 -2.06 9.48 -13.11
CA ALA A 46 -2.98 8.37 -13.31
C ALA A 46 -4.37 8.92 -13.32
N ILE A 47 -5.19 8.40 -14.23
CA ILE A 47 -6.58 8.87 -14.34
C ILE A 47 -7.51 7.69 -14.09
N LYS A 48 -8.26 7.76 -13.00
CA LYS A 48 -9.26 6.73 -12.73
C LYS A 48 -10.64 7.19 -13.18
N THR A 49 -11.30 6.37 -13.97
CA THR A 49 -12.62 6.72 -14.47
C THR A 49 -13.61 5.68 -14.01
N LEU A 50 -14.83 6.13 -13.75
CA LEU A 50 -15.87 5.26 -13.25
C LEU A 50 -16.50 4.53 -14.44
N LYS A 51 -16.88 3.27 -14.22
CA LYS A 51 -17.42 2.40 -15.27
C LYS A 51 -18.61 3.02 -16.01
N ALA A 52 -18.67 2.76 -17.31
CA ALA A 52 -19.75 3.26 -18.16
C ALA A 52 -21.11 2.99 -17.57
N GLY A 53 -21.96 4.03 -17.54
CA GLY A 53 -23.34 3.86 -17.12
C GLY A 53 -23.53 3.96 -15.61
N TYR A 54 -22.53 4.45 -14.90
CA TYR A 54 -22.62 4.56 -13.45
C TYR A 54 -23.83 5.32 -12.94
N THR A 55 -24.35 4.86 -11.80
CA THR A 55 -25.46 5.53 -11.16
C THR A 55 -24.97 6.70 -10.32
N ASP A 56 -25.90 7.52 -9.85
CA ASP A 56 -25.60 8.61 -8.94
C ASP A 56 -24.95 8.11 -7.65
N LYS A 57 -25.45 6.98 -7.14
CA LYS A 57 -24.87 6.39 -5.92
C LYS A 57 -23.43 5.95 -6.17
N GLN A 58 -23.20 5.29 -7.30
CA GLN A 58 -21.85 4.88 -7.67
C GLN A 58 -20.93 6.09 -7.82
N ARG A 59 -21.44 7.16 -8.42
CA ARG A 59 -20.66 8.40 -8.56
C ARG A 59 -20.26 8.97 -7.21
N ARG A 60 -21.19 8.98 -6.26
CA ARG A 60 -20.91 9.45 -4.90
C ARG A 60 -19.86 8.60 -4.20
N ASP A 61 -20.05 7.28 -4.24
CA ASP A 61 -19.09 6.37 -3.60
C ASP A 61 -17.70 6.50 -4.23
N PHE A 62 -17.65 6.67 -5.55
CA PHE A 62 -16.41 6.88 -6.28
C PHE A 62 -15.69 8.14 -5.80
N LEU A 63 -16.41 9.24 -5.78
CA LEU A 63 -15.80 10.52 -5.40
C LEU A 63 -15.42 10.55 -3.92
N SER A 64 -16.06 9.71 -3.10
CA SER A 64 -15.72 9.64 -1.67
CA SER A 64 -15.72 9.65 -1.68
C SER A 64 -14.30 9.14 -1.48
N GLU A 65 -13.82 8.30 -2.39
CA GLU A 65 -12.44 7.84 -2.38
C GLU A 65 -11.48 9.01 -2.56
N ALA A 66 -11.85 9.93 -3.44
CA ALA A 66 -11.07 11.15 -3.63
C ALA A 66 -11.11 12.01 -2.38
N SER A 67 -12.28 12.09 -1.74
CA SER A 67 -12.42 12.89 -0.53
C SER A 67 -11.50 12.36 0.57
N ILE A 68 -11.46 11.04 0.71
CA ILE A 68 -10.60 10.40 1.70
C ILE A 68 -9.12 10.69 1.40
N MET A 69 -8.72 10.42 0.16
CA MET A 69 -7.34 10.64 -0.27
C MET A 69 -6.91 12.09 -0.10
N GLY A 70 -7.84 13.01 -0.30
CA GLY A 70 -7.56 14.43 -0.22
C GLY A 70 -7.23 14.90 1.19
N GLN A 71 -7.55 14.09 2.20
CA GLN A 71 -7.21 14.44 3.58
C GLN A 71 -5.74 14.19 3.89
N PHE A 72 -5.06 13.47 2.99
CA PHE A 72 -3.70 13.02 3.27
C PHE A 72 -2.67 13.81 2.47
N ASP A 73 -1.54 14.12 3.11
CA ASP A 73 -0.45 14.83 2.44
C ASP A 73 0.86 14.32 3.00
N HIS A 74 1.35 13.23 2.42
CA HIS A 74 2.52 12.56 2.95
C HIS A 74 3.24 11.89 1.78
N PRO A 75 4.58 11.90 1.80
CA PRO A 75 5.35 11.41 0.65
C PRO A 75 5.14 9.93 0.36
N ASN A 76 4.64 9.18 1.34
CA ASN A 76 4.40 7.75 1.13
C ASN A 76 2.91 7.36 1.07
N ILE A 77 2.09 8.35 0.70
CA ILE A 77 0.66 8.14 0.48
C ILE A 77 0.37 8.74 -0.88
N ILE A 78 -0.29 7.99 -1.76
CA ILE A 78 -0.58 8.47 -3.11
CA ILE A 78 -0.55 8.48 -3.11
C ILE A 78 -1.21 9.86 -3.08
N HIS A 79 -0.62 10.77 -3.85
CA HIS A 79 -1.04 12.17 -3.89
C HIS A 79 -2.20 12.35 -4.85
N LEU A 80 -3.25 13.01 -4.37
CA LEU A 80 -4.41 13.35 -5.19
C LEU A 80 -4.13 14.68 -5.87
N GLU A 81 -4.18 14.70 -7.19
CA GLU A 81 -4.09 15.97 -7.93
C GLU A 81 -5.43 16.70 -7.92
N GLY A 82 -6.50 15.97 -8.14
CA GLY A 82 -7.82 16.58 -8.10
C GLY A 82 -8.85 15.68 -8.73
N VAL A 83 -10.02 16.25 -8.99
CA VAL A 83 -11.10 15.51 -9.61
C VAL A 83 -11.69 16.28 -10.79
N VAL A 84 -12.37 15.56 -11.66
CA VAL A 84 -13.17 16.20 -12.69
C VAL A 84 -14.62 15.83 -12.39
N THR A 85 -15.44 16.82 -12.05
CA THR A 85 -16.83 16.55 -11.67
C THR A 85 -17.82 17.45 -12.42
N LYS A 86 -17.30 18.49 -13.08
CA LYS A 86 -18.14 19.43 -13.81
C LYS A 86 -18.44 18.91 -15.21
N CYS A 87 -17.59 17.99 -15.66
CA CYS A 87 -17.75 17.31 -16.94
C CYS A 87 -18.01 15.82 -16.73
N LYS A 88 -18.55 15.17 -17.76
CA LYS A 88 -18.77 13.73 -17.72
C LYS A 88 -17.79 13.05 -18.70
N PRO A 89 -17.24 11.88 -18.31
CA PRO A 89 -17.49 11.15 -17.07
C PRO A 89 -16.62 11.68 -15.93
N VAL A 90 -17.00 11.37 -14.70
CA VAL A 90 -16.19 11.77 -13.53
C VAL A 90 -14.86 11.06 -13.52
N MET A 91 -13.84 11.76 -13.05
CA MET A 91 -12.49 11.22 -13.02
CA MET A 91 -12.50 11.21 -13.02
C MET A 91 -11.79 11.60 -11.74
N ILE A 92 -10.91 10.71 -11.28
CA ILE A 92 -10.01 11.00 -10.17
C ILE A 92 -8.60 11.03 -10.73
N ILE A 93 -7.87 12.11 -10.46
CA ILE A 93 -6.52 12.30 -11.00
C ILE A 93 -5.50 12.20 -9.87
N THR A 94 -4.56 11.24 -9.95
CA THR A 94 -3.56 11.07 -8.89
C THR A 94 -2.17 11.07 -9.49
N GLU A 95 -1.13 11.07 -8.64
CA GLU A 95 0.21 11.04 -9.16
C GLU A 95 0.46 9.73 -9.90
N TYR A 96 1.28 9.81 -10.93
CA TYR A 96 1.61 8.64 -11.74
C TYR A 96 2.74 7.89 -11.10
N MET A 97 2.59 6.57 -11.04
CA MET A 97 3.59 5.71 -10.41
C MET A 97 4.16 4.75 -11.46
N GLU A 98 5.34 5.10 -11.96
CA GLU A 98 5.92 4.49 -13.14
C GLU A 98 6.01 2.98 -13.03
N ASN A 99 6.38 2.50 -11.85
CA ASN A 99 6.62 1.07 -11.64
C ASN A 99 5.44 0.22 -11.13
N GLY A 100 4.25 0.83 -11.08
CA GLY A 100 3.03 0.08 -10.80
C GLY A 100 2.95 -0.49 -9.39
N SER A 101 2.24 -1.60 -9.24
CA SER A 101 2.06 -2.24 -7.93
CA SER A 101 2.07 -2.22 -7.92
C SER A 101 3.34 -2.91 -7.45
N LEU A 102 3.62 -2.81 -6.15
CA LEU A 102 4.86 -3.31 -5.59
C LEU A 102 5.06 -4.81 -5.77
N ASP A 103 3.98 -5.58 -5.62
CA ASP A 103 4.06 -7.03 -5.79
C ASP A 103 4.49 -7.39 -7.21
N ALA A 104 3.82 -6.80 -8.20
CA ALA A 104 4.18 -7.05 -9.60
C ALA A 104 5.58 -6.58 -9.92
N PHE A 105 5.96 -5.42 -9.39
CA PHE A 105 7.28 -4.84 -9.61
C PHE A 105 8.37 -5.76 -9.10
N LEU A 106 8.21 -6.25 -7.87
CA LEU A 106 9.24 -7.14 -7.31
C LEU A 106 9.35 -8.47 -8.07
N ARG A 107 8.22 -9.03 -8.49
CA ARG A 107 8.23 -10.30 -9.24
C ARG A 107 8.89 -10.20 -10.61
N LYS A 108 8.90 -8.99 -11.18
CA LYS A 108 9.58 -8.70 -12.44
C LYS A 108 11.04 -8.35 -12.25
N ASN A 109 11.46 -8.20 -11.01
CA ASN A 109 12.82 -7.79 -10.71
C ASN A 109 13.43 -8.65 -9.61
N ASP A 110 13.17 -9.95 -9.69
CA ASP A 110 13.57 -10.89 -8.65
C ASP A 110 15.08 -10.85 -8.39
N GLY A 111 15.44 -10.54 -7.15
CA GLY A 111 16.83 -10.49 -6.73
C GLY A 111 17.63 -9.30 -7.22
N ARG A 112 16.98 -8.30 -7.81
CA ARG A 112 17.70 -7.19 -8.43
C ARG A 112 18.08 -6.04 -7.50
N PHE A 113 17.52 -5.99 -6.30
CA PHE A 113 17.79 -4.90 -5.39
C PHE A 113 18.67 -5.33 -4.24
N THR A 114 19.31 -4.36 -3.59
CA THR A 114 20.09 -4.65 -2.40
C THR A 114 19.17 -4.72 -1.20
N VAL A 115 19.65 -5.34 -0.12
CA VAL A 115 18.90 -5.38 1.13
C VAL A 115 18.53 -3.98 1.61
N ILE A 116 19.48 -3.05 1.53
CA ILE A 116 19.23 -1.67 1.95
C ILE A 116 18.13 -0.99 1.13
N GLN A 117 18.10 -1.26 -0.17
CA GLN A 117 17.01 -0.76 -1.01
C GLN A 117 15.66 -1.32 -0.59
N LEU A 118 15.62 -2.63 -0.33
CA LEU A 118 14.37 -3.26 0.10
C LEU A 118 13.92 -2.70 1.46
N VAL A 119 14.86 -2.48 2.37
CA VAL A 119 14.53 -1.95 3.68
C VAL A 119 14.04 -0.52 3.52
N GLY A 120 14.66 0.23 2.62
CA GLY A 120 14.15 1.55 2.29
C GLY A 120 12.71 1.55 1.82
N MET A 121 12.33 0.55 1.04
CA MET A 121 10.96 0.44 0.55
C MET A 121 10.03 0.24 1.72
N LEU A 122 10.41 -0.68 2.61
CA LEU A 122 9.61 -1.00 3.79
C LEU A 122 9.51 0.18 4.73
N ARG A 123 10.58 0.97 4.84
CA ARG A 123 10.57 2.15 5.71
C ARG A 123 9.56 3.14 5.17
N GLY A 124 9.53 3.32 3.85
CA GLY A 124 8.60 4.24 3.24
C GLY A 124 7.16 3.80 3.49
N ILE A 125 6.88 2.53 3.27
CA ILE A 125 5.54 2.03 3.54
C ILE A 125 5.17 2.24 5.02
N GLY A 126 6.11 1.94 5.91
CA GLY A 126 5.89 2.13 7.34
C GLY A 126 5.58 3.57 7.69
N SER A 127 6.30 4.50 7.07
CA SER A 127 6.09 5.93 7.28
CA SER A 127 6.08 5.92 7.29
C SER A 127 4.70 6.36 6.82
N GLY A 128 4.28 5.88 5.66
CA GLY A 128 2.93 6.18 5.21
C GLY A 128 1.88 5.60 6.14
N MET A 129 2.14 4.40 6.65
CA MET A 129 1.19 3.79 7.58
C MET A 129 1.19 4.46 8.95
N LYS A 130 2.34 4.96 9.39
CA LYS A 130 2.36 5.75 10.63
C LYS A 130 1.45 6.97 10.46
N TYR A 131 1.56 7.62 9.30
CA TYR A 131 0.76 8.81 9.03
C TYR A 131 -0.73 8.47 9.02
N LEU A 132 -1.10 7.40 8.33
CA LEU A 132 -2.51 6.99 8.28
C LEU A 132 -3.01 6.64 9.67
N SER A 133 -2.24 5.86 10.40
CA SER A 133 -2.68 5.44 11.73
C SER A 133 -2.71 6.62 12.72
N ASP A 134 -1.82 7.60 12.53
CA ASP A 134 -1.85 8.85 13.31
C ASP A 134 -3.20 9.53 13.16
N MET A 135 -3.80 9.39 11.98
CA MET A 135 -5.07 10.06 11.70
C MET A 135 -6.28 9.19 11.96
N SER A 136 -6.03 8.06 12.65
CA SER A 136 -7.09 7.12 13.00
CA SER A 136 -7.07 7.09 12.99
C SER A 136 -7.71 6.43 11.77
N TYR A 137 -6.98 6.40 10.67
CA TYR A 137 -7.44 5.70 9.46
C TYR A 137 -6.92 4.26 9.48
N VAL A 138 -7.85 3.30 9.48
CA VAL A 138 -7.50 1.88 9.38
C VAL A 138 -7.69 1.40 7.95
N HIS A 139 -6.61 0.91 7.35
CA HIS A 139 -6.58 0.59 5.94
C HIS A 139 -7.42 -0.65 5.61
N ARG A 140 -7.18 -1.72 6.38
CA ARG A 140 -7.90 -3.02 6.27
C ARG A 140 -7.47 -3.93 5.13
N ASP A 141 -6.69 -3.39 4.18
CA ASP A 141 -6.37 -4.12 2.96
C ASP A 141 -4.91 -3.86 2.60
N LEU A 142 -4.05 -3.76 3.59
CA LEU A 142 -2.65 -3.48 3.32
C LEU A 142 -1.94 -4.74 2.82
N ALA A 143 -1.34 -4.63 1.62
CA ALA A 143 -0.73 -5.74 0.91
C ALA A 143 0.11 -5.13 -0.17
N ALA A 144 1.12 -5.85 -0.66
CA ALA A 144 2.02 -5.30 -1.65
C ALA A 144 1.29 -4.89 -2.93
N ARG A 145 0.20 -5.59 -3.25
CA ARG A 145 -0.59 -5.23 -4.42
C ARG A 145 -1.24 -3.85 -4.29
N ASN A 146 -1.36 -3.36 -3.06
CA ASN A 146 -1.99 -2.05 -2.81
C ASN A 146 -0.98 -0.96 -2.49
N ILE A 147 0.29 -1.25 -2.78
CA ILE A 147 1.35 -0.26 -2.66
CA ILE A 147 1.34 -0.25 -2.67
C ILE A 147 1.86 0.03 -4.07
N LEU A 148 2.00 1.31 -4.41
CA LEU A 148 2.50 1.69 -5.72
C LEU A 148 3.95 2.19 -5.66
N VAL A 149 4.67 2.08 -6.77
CA VAL A 149 6.11 2.39 -6.77
C VAL A 149 6.45 3.37 -7.89
N ASN A 150 7.15 4.46 -7.56
CA ASN A 150 7.55 5.43 -8.60
C ASN A 150 8.92 5.13 -9.21
N SER A 151 9.42 6.01 -10.07
CA SER A 151 10.68 5.75 -10.78
CA SER A 151 10.69 5.76 -10.78
C SER A 151 11.88 5.77 -9.85
N ASN A 152 11.75 6.47 -8.73
CA ASN A 152 12.82 6.54 -7.74
C ASN A 152 12.67 5.47 -6.66
N LEU A 153 11.84 4.47 -6.94
CA LEU A 153 11.60 3.34 -6.05
C LEU A 153 10.88 3.75 -4.76
N VAL A 154 10.29 4.94 -4.75
CA VAL A 154 9.51 5.35 -3.59
C VAL A 154 8.19 4.60 -3.57
N CYS A 155 7.89 3.98 -2.42
CA CYS A 155 6.68 3.20 -2.25
C CYS A 155 5.60 3.99 -1.53
N LYS A 156 4.38 3.94 -2.05
CA LYS A 156 3.30 4.73 -1.48
C LYS A 156 2.04 3.89 -1.30
N VAL A 157 1.39 4.07 -0.16
CA VAL A 157 0.13 3.39 0.11
C VAL A 157 -0.99 3.92 -0.78
N SER A 158 -1.73 3.00 -1.42
CA SER A 158 -2.84 3.34 -2.30
C SER A 158 -4.11 2.61 -1.81
N ASP A 159 -5.12 2.48 -2.67
CA ASP A 159 -6.30 1.64 -2.37
C ASP A 159 -7.16 2.22 -1.25
N PHE A 160 -7.71 3.40 -1.48
N PHE A 160 -7.69 3.41 -1.48
CA PHE A 160 -8.55 4.07 -0.50
CA PHE A 160 -8.52 4.08 -0.49
C PHE A 160 -10.02 4.08 -0.91
C PHE A 160 -9.98 4.06 -0.94
N PRO A 182 -9.41 -10.83 2.20
CA PRO A 182 -8.02 -11.23 1.89
C PRO A 182 -7.38 -11.96 3.07
N ILE A 183 -7.78 -13.20 3.31
CA ILE A 183 -7.44 -13.92 4.53
C ILE A 183 -5.97 -13.90 4.93
N ARG A 184 -5.07 -14.23 4.02
CA ARG A 184 -3.69 -14.43 4.44
C ARG A 184 -2.90 -13.16 4.75
N TRP A 185 -3.52 -12.00 4.51
CA TRP A 185 -2.93 -10.73 4.91
C TRP A 185 -3.57 -10.19 6.19
N THR A 186 -4.59 -10.88 6.68
CA THR A 186 -5.42 -10.30 7.75
C THR A 186 -5.13 -10.85 9.14
N ALA A 187 -5.08 -9.96 10.13
CA ALA A 187 -4.80 -10.34 11.51
C ALA A 187 -5.84 -11.35 12.01
N PRO A 188 -5.41 -12.28 12.87
CA PRO A 188 -6.35 -13.33 13.30
C PRO A 188 -7.59 -12.79 14.02
N GLU A 189 -7.47 -11.69 14.76
CA GLU A 189 -8.64 -11.12 15.44
C GLU A 189 -9.56 -10.37 14.49
N ALA A 190 -9.01 -9.91 13.37
CA ALA A 190 -9.83 -9.26 12.36
C ALA A 190 -10.66 -10.31 11.61
N ILE A 191 -10.05 -11.48 11.35
CA ILE A 191 -10.79 -12.60 10.77
C ILE A 191 -11.82 -13.13 11.75
N ALA A 192 -11.39 -13.43 12.96
CA ALA A 192 -12.26 -14.13 13.91
C ALA A 192 -13.33 -13.24 14.53
N TYR A 193 -13.00 -11.98 14.80
CA TYR A 193 -13.89 -11.10 15.55
C TYR A 193 -14.25 -9.80 14.82
N ARG A 194 -13.81 -9.69 13.57
CA ARG A 194 -14.05 -8.49 12.76
C ARG A 194 -13.51 -7.24 13.44
N LYS A 195 -12.48 -7.41 14.28
CA LYS A 195 -11.82 -6.30 14.95
C LYS A 195 -10.66 -5.80 14.10
N PHE A 196 -10.92 -4.72 13.35
CA PHE A 196 -9.94 -4.08 12.49
C PHE A 196 -9.46 -2.79 13.14
N THR A 197 -8.15 -2.71 13.39
CA THR A 197 -7.54 -1.55 14.05
C THR A 197 -6.20 -1.30 13.43
N SER A 198 -5.49 -0.26 13.86
CA SER A 198 -4.14 -0.08 13.32
C SER A 198 -3.25 -1.26 13.68
N ALA A 199 -3.58 -1.96 14.76
CA ALA A 199 -2.82 -3.15 15.13
C ALA A 199 -3.03 -4.31 14.15
N SER A 200 -4.23 -4.42 13.59
CA SER A 200 -4.44 -5.41 12.51
C SER A 200 -3.74 -4.96 11.23
N ASP A 201 -3.63 -3.64 11.02
CA ASP A 201 -2.83 -3.15 9.89
C ASP A 201 -1.37 -3.49 10.10
N VAL A 202 -0.92 -3.51 11.36
CA VAL A 202 0.47 -3.86 11.64
C VAL A 202 0.74 -5.34 11.31
N TRP A 203 -0.21 -6.20 11.61
CA TRP A 203 -0.09 -7.59 11.18
C TRP A 203 0.09 -7.65 9.66
N SER A 204 -0.79 -6.96 8.95
CA SER A 204 -0.71 -6.91 7.49
C SER A 204 0.63 -6.39 7.01
N TYR A 205 1.13 -5.35 7.69
CA TYR A 205 2.43 -4.78 7.36
C TYR A 205 3.54 -5.83 7.46
N GLY A 206 3.48 -6.66 8.49
CA GLY A 206 4.43 -7.76 8.61
C GLY A 206 4.37 -8.69 7.41
N ILE A 207 3.17 -8.97 6.92
CA ILE A 207 3.03 -9.79 5.71
C ILE A 207 3.65 -9.06 4.50
N VAL A 208 3.43 -7.75 4.41
CA VAL A 208 4.06 -6.95 3.37
C VAL A 208 5.59 -7.00 3.45
N MET A 209 6.14 -6.96 4.66
CA MET A 209 7.60 -7.12 4.81
C MET A 209 8.07 -8.44 4.21
N TRP A 210 7.31 -9.50 4.48
CA TRP A 210 7.63 -10.82 3.97
C TRP A 210 7.51 -10.84 2.44
N GLU A 211 6.48 -10.19 1.89
CA GLU A 211 6.34 -10.08 0.44
C GLU A 211 7.53 -9.37 -0.15
N VAL A 212 7.95 -8.26 0.47
CA VAL A 212 9.07 -7.50 -0.07
C VAL A 212 10.36 -8.30 -0.05
N MET A 213 10.69 -8.90 1.09
CA MET A 213 11.96 -9.61 1.22
C MET A 213 11.99 -10.90 0.39
N SER A 214 10.81 -11.37 -0.03
CA SER A 214 10.71 -12.60 -0.84
C SER A 214 10.53 -12.29 -2.33
N TYR A 215 10.57 -10.99 -2.68
CA TYR A 215 10.29 -10.55 -4.06
C TYR A 215 8.92 -10.99 -4.57
N GLY A 216 7.91 -10.89 -3.72
CA GLY A 216 6.54 -11.09 -4.13
C GLY A 216 6.07 -12.53 -4.16
N GLU A 217 6.64 -13.38 -3.31
CA GLU A 217 6.09 -14.71 -3.15
C GLU A 217 4.73 -14.64 -2.47
N ARG A 218 3.94 -15.69 -2.69
CA ARG A 218 2.64 -15.77 -2.04
CA ARG A 218 2.63 -15.78 -2.04
C ARG A 218 2.80 -16.19 -0.58
N PRO A 219 2.30 -15.36 0.35
CA PRO A 219 2.38 -15.74 1.75
C PRO A 219 1.70 -17.08 1.98
N TYR A 220 2.38 -17.98 2.69
CA TYR A 220 1.87 -19.31 3.02
C TYR A 220 1.79 -20.23 1.82
N TRP A 221 2.31 -19.78 0.67
CA TRP A 221 2.41 -20.62 -0.52
C TRP A 221 1.09 -21.28 -0.89
N ASP A 222 1.12 -22.61 -1.01
CA ASP A 222 -0.04 -23.38 -1.44
CA ASP A 222 -0.05 -23.36 -1.47
C ASP A 222 -1.04 -23.72 -0.36
N MET A 223 -0.74 -23.36 0.89
CA MET A 223 -1.68 -23.59 1.98
CA MET A 223 -1.67 -23.58 2.00
C MET A 223 -2.99 -22.91 1.66
N SER A 224 -4.10 -23.58 1.99
CA SER A 224 -5.42 -23.02 1.77
C SER A 224 -5.73 -22.00 2.85
N ASN A 225 -6.75 -21.16 2.62
CA ASN A 225 -7.17 -20.23 3.66
C ASN A 225 -7.47 -20.92 5.00
N GLN A 226 -8.11 -22.09 4.95
CA GLN A 226 -8.43 -22.80 6.18
C GLN A 226 -7.18 -23.32 6.89
N ASP A 227 -6.19 -23.74 6.10
CA ASP A 227 -4.92 -24.22 6.63
C ASP A 227 -4.14 -23.08 7.27
N VAL A 228 -4.19 -21.90 6.64
CA VAL A 228 -3.52 -20.71 7.19
C VAL A 228 -4.14 -20.30 8.53
N ILE A 229 -5.47 -20.21 8.58
CA ILE A 229 -6.15 -19.86 9.81
C ILE A 229 -5.81 -20.80 10.96
N LYS A 230 -5.83 -22.10 10.68
CA LYS A 230 -5.53 -23.08 11.72
C LYS A 230 -4.06 -23.04 12.16
N ALA A 231 -3.16 -22.90 11.19
CA ALA A 231 -1.73 -22.86 11.51
C ALA A 231 -1.39 -21.66 12.38
N ILE A 232 -1.88 -20.49 12.00
CA ILE A 232 -1.67 -19.27 12.79
C ILE A 232 -2.16 -19.44 14.23
N GLU A 233 -3.35 -20.01 14.39
CA GLU A 233 -3.90 -20.25 15.72
C GLU A 233 -3.02 -21.19 16.56
N GLU A 234 -2.33 -22.12 15.90
CA GLU A 234 -1.46 -23.07 16.60
CA GLU A 234 -1.47 -23.06 16.62
C GLU A 234 -0.04 -22.55 16.81
N GLY A 235 0.21 -21.30 16.43
CA GLY A 235 1.50 -20.70 16.68
C GLY A 235 2.46 -20.68 15.49
N TYR A 236 2.03 -21.18 14.35
CA TYR A 236 2.87 -21.13 13.16
C TYR A 236 3.04 -19.69 12.66
N ARG A 237 4.26 -19.32 12.30
CA ARG A 237 4.54 -18.06 11.61
C ARG A 237 5.50 -18.29 10.43
N LEU A 238 5.37 -17.47 9.40
CA LEU A 238 6.22 -17.60 8.22
C LEU A 238 7.70 -17.48 8.58
N PRO A 239 8.54 -18.26 7.88
CA PRO A 239 9.98 -18.26 8.10
C PRO A 239 10.61 -17.06 7.40
N PRO A 240 11.88 -16.79 7.69
CA PRO A 240 12.55 -15.74 6.91
C PRO A 240 12.57 -16.10 5.43
N PRO A 241 12.27 -15.13 4.55
CA PRO A 241 12.56 -15.38 3.13
C PRO A 241 14.04 -15.67 2.90
N MET A 242 14.31 -16.27 1.74
CA MET A 242 15.66 -16.65 1.38
C MET A 242 16.59 -15.46 1.53
N ASP A 243 17.66 -15.66 2.30
CA ASP A 243 18.67 -14.64 2.56
C ASP A 243 18.18 -13.37 3.29
N CYS A 244 17.01 -13.44 3.92
CA CYS A 244 16.49 -12.31 4.67
C CYS A 244 17.26 -12.14 5.99
N PRO A 245 17.71 -10.91 6.29
CA PRO A 245 18.31 -10.61 7.60
C PRO A 245 17.44 -11.04 8.78
N ILE A 246 18.05 -11.66 9.78
CA ILE A 246 17.30 -12.07 10.96
C ILE A 246 16.61 -10.90 11.65
N ALA A 247 17.26 -9.73 11.68
CA ALA A 247 16.64 -8.56 12.31
C ALA A 247 15.32 -8.18 11.67
N LEU A 248 15.24 -8.30 10.34
CA LEU A 248 13.99 -7.97 9.63
C LEU A 248 12.94 -9.05 9.89
N HIS A 249 13.36 -10.31 9.91
CA HIS A 249 12.43 -11.38 10.24
C HIS A 249 11.90 -11.27 11.67
N GLN A 250 12.74 -10.88 12.62
CA GLN A 250 12.28 -10.68 13.99
CA GLN A 250 12.28 -10.68 13.99
C GLN A 250 11.22 -9.58 14.05
N LEU A 251 11.39 -8.54 13.24
CA LEU A 251 10.38 -7.47 13.18
C LEU A 251 9.06 -7.98 12.62
N MET A 252 9.12 -8.84 11.59
CA MET A 252 7.92 -9.52 11.10
C MET A 252 7.24 -10.28 12.22
N LEU A 253 8.02 -11.08 12.95
CA LEU A 253 7.47 -11.83 14.08
C LEU A 253 6.78 -10.95 15.13
N ASP A 254 7.36 -9.77 15.41
CA ASP A 254 6.75 -8.81 16.32
C ASP A 254 5.40 -8.33 15.80
N CYS A 255 5.32 -8.09 14.50
CA CYS A 255 4.09 -7.64 13.87
C CYS A 255 3.01 -8.71 13.92
N TRP A 256 3.46 -9.97 14.02
CA TRP A 256 2.55 -11.10 14.05
C TRP A 256 2.33 -11.67 15.46
N GLN A 257 2.59 -10.88 16.48
CA GLN A 257 2.20 -11.30 17.84
C GLN A 257 0.71 -11.66 17.87
N LYS A 258 0.37 -12.74 18.57
CA LYS A 258 -1.05 -13.16 18.64
C LYS A 258 -1.97 -12.08 19.21
N GLU A 259 -1.61 -11.52 20.36
CA GLU A 259 -2.39 -10.44 20.97
C GLU A 259 -2.06 -9.11 20.32
N ARG A 260 -3.07 -8.41 19.81
CA ARG A 260 -2.80 -7.21 19.04
C ARG A 260 -2.06 -6.14 19.85
N SER A 261 -2.28 -6.11 21.16
CA SER A 261 -1.65 -5.10 22.00
C SER A 261 -0.15 -5.34 22.17
N ASP A 262 0.32 -6.54 21.81
CA ASP A 262 1.74 -6.87 21.92
C ASP A 262 2.53 -6.48 20.66
N ARG A 263 1.82 -6.09 19.61
CA ARG A 263 2.51 -5.73 18.38
C ARG A 263 3.09 -4.33 18.48
N PRO A 264 4.18 -4.08 17.75
CA PRO A 264 4.72 -2.72 17.76
C PRO A 264 3.75 -1.76 17.09
N LYS A 265 3.77 -0.49 17.48
CA LYS A 265 3.02 0.53 16.77
C LYS A 265 3.80 0.94 15.54
N PHE A 266 3.14 1.57 14.58
CA PHE A 266 3.85 1.95 13.36
C PHE A 266 5.04 2.87 13.62
N GLY A 267 4.90 3.76 14.62
CA GLY A 267 6.01 4.62 14.99
C GLY A 267 7.22 3.82 15.40
N GLN A 268 6.98 2.74 16.12
CA GLN A 268 8.08 1.87 16.57
C GLN A 268 8.69 1.08 15.42
N ILE A 269 7.86 0.63 14.49
CA ILE A 269 8.36 -0.05 13.31
C ILE A 269 9.28 0.86 12.50
N VAL A 270 8.84 2.08 12.26
CA VAL A 270 9.65 3.02 11.50
C VAL A 270 10.96 3.31 12.22
N ASN A 271 10.89 3.49 13.53
CA ASN A 271 12.09 3.75 14.32
C ASN A 271 13.08 2.59 14.28
N MET A 272 12.55 1.37 14.34
N MET A 272 12.55 1.36 14.34
CA MET A 272 13.39 0.19 14.24
CA MET A 272 13.43 0.20 14.22
C MET A 272 14.04 0.08 12.85
C MET A 272 14.08 0.12 12.84
N LEU A 273 13.30 0.39 11.80
CA LEU A 273 13.86 0.34 10.45
C LEU A 273 14.94 1.42 10.27
N ASP A 274 14.69 2.61 10.80
CA ASP A 274 15.68 3.69 10.77
C ASP A 274 16.95 3.25 11.48
N LYS A 275 16.80 2.51 12.58
CA LYS A 275 17.96 2.03 13.36
C LYS A 275 18.74 0.96 12.60
N LEU A 276 18.01 0.08 11.92
CA LEU A 276 18.65 -0.91 11.06
C LEU A 276 19.39 -0.24 9.91
N ILE A 277 18.79 0.79 9.32
CA ILE A 277 19.42 1.50 8.20
C ILE A 277 20.63 2.29 8.69
N ARG A 278 20.51 2.83 9.90
CA ARG A 278 21.58 3.65 10.50
C ARG A 278 22.76 2.78 10.93
N ASN A 279 22.46 1.55 11.31
CA ASN A 279 23.47 0.60 11.78
C ASN A 279 23.46 -0.66 10.91
N PRO A 280 23.91 -0.52 9.65
CA PRO A 280 23.71 -1.59 8.66
C PRO A 280 24.37 -2.92 8.98
N ASN A 281 25.31 -2.95 9.93
CA ASN A 281 25.88 -4.22 10.35
C ASN A 281 24.84 -5.08 11.03
N SER A 282 23.77 -4.44 11.49
CA SER A 282 22.67 -5.16 12.14
C SER A 282 21.95 -6.08 11.16
N LEU A 283 22.18 -5.86 9.87
CA LEU A 283 21.51 -6.62 8.81
C LEU A 283 22.37 -7.77 8.29
N LYS A 284 23.56 -7.93 8.87
CA LYS A 284 24.49 -8.95 8.38
C LYS A 284 24.07 -10.37 8.71
N ARG A 285 23.54 -10.59 9.91
CA ARG A 285 23.13 -11.92 10.31
C ARG A 285 21.87 -12.34 9.54
N THR A 286 21.94 -13.49 8.86
CA THR A 286 20.80 -14.00 8.11
C THR A 286 20.42 -15.41 8.56
#